data_4JK0
#
_entry.id   4JK0
#
_cell.length_a   90.391
_cell.length_b   90.391
_cell.length_c   148.909
_cell.angle_alpha   90.000
_cell.angle_beta   90.000
_cell.angle_gamma   120.000
#
_symmetry.space_group_name_H-M   'H 3 2'
#
loop_
_entity.id
_entity.type
_entity.pdbx_description
1 polymer 'RNA silencing suppressor p19'
2 polymer "5'-R(P*UP*UP*UP*GP*CP*UP*GP*CP*UP*GP*CP*UP*GP*CP*UP*GP*CP*UP*GP*CP*U)-3'"
3 non-polymer 'SULFATE ION'
4 water water
#
loop_
_entity_poly.entity_id
_entity_poly.type
_entity_poly.pdbx_seq_one_letter_code
_entity_poly.pdbx_strand_id
1 'polypeptide(L)'
;GSHMTSPFKLPDESPSWTEWRLHNDETNSNQDNPLGFKESWGFGKVVFKRYLRYDRTEASLHRVLGSWTGDSVNYAASRF
FGFDQIGCQYSIRFRGVSITVSGGSRTLQHLCEMAIRSKQELLQLAP
;
D
2 'polyribonucleotide' UUUGCUGCUGCUGCUGCUGCU B
#
# COMPACT_ATOMS: atom_id res chain seq x y z
N HIS A 3 -8.11 -17.68 -7.53
CA HIS A 3 -7.76 -16.62 -6.54
C HIS A 3 -6.23 -16.53 -6.31
N MET A 4 -5.65 -15.42 -6.78
CA MET A 4 -4.24 -15.17 -6.61
C MET A 4 -4.02 -14.82 -5.15
N THR A 5 -2.80 -14.92 -4.67
CA THR A 5 -2.52 -14.59 -3.29
C THR A 5 -1.97 -13.19 -3.24
N SER A 6 -2.59 -12.36 -2.41
CA SER A 6 -2.20 -10.96 -2.28
C SER A 6 -1.12 -10.75 -1.21
N PRO A 7 -0.30 -9.71 -1.39
CA PRO A 7 0.70 -9.32 -0.41
C PRO A 7 0.12 -8.77 0.88
N PHE A 8 -1.17 -8.47 0.87
CA PHE A 8 -1.85 -7.79 1.93
C PHE A 8 -2.46 -8.67 3.00
N LYS A 9 -2.44 -8.18 4.24
CA LYS A 9 -2.96 -8.92 5.40
C LYS A 9 -4.27 -8.30 5.93
N LEU A 10 -4.70 -7.18 5.36
CA LEU A 10 -5.98 -6.58 5.66
C LEU A 10 -6.76 -6.50 4.36
N PRO A 11 -8.11 -6.58 4.43
CA PRO A 11 -8.91 -6.50 3.25
C PRO A 11 -9.12 -5.06 2.88
N ASP A 12 -9.59 -4.84 1.66
CA ASP A 12 -9.81 -3.50 1.12
C ASP A 12 -10.93 -2.81 1.88
N GLU A 13 -10.82 -1.48 2.00
CA GLU A 13 -11.82 -0.69 2.72
C GLU A 13 -12.33 0.46 1.91
N SER A 14 -12.40 0.27 0.61
CA SER A 14 -12.86 1.31 -0.27
C SER A 14 -14.24 1.77 0.17
N PRO A 15 -14.43 3.08 0.38
CA PRO A 15 -15.73 3.66 0.64
C PRO A 15 -16.62 3.62 -0.56
N SER A 16 -17.92 3.47 -0.30
CA SER A 16 -18.92 3.52 -1.36
C SER A 16 -18.98 4.98 -1.86
N TRP A 17 -19.61 5.19 -3.02
CA TRP A 17 -19.83 6.56 -3.51
C TRP A 17 -20.70 7.38 -2.52
N THR A 18 -21.77 6.80 -2.03
CA THR A 18 -22.65 7.45 -1.03
C THR A 18 -21.87 7.84 0.23
N GLU A 19 -21.00 6.96 0.70
CA GLU A 19 -20.24 7.23 1.92
C GLU A 19 -19.29 8.42 1.74
N TRP A 20 -18.67 8.45 0.57
CA TRP A 20 -17.77 9.49 0.20
C TRP A 20 -18.48 10.84 0.09
N ARG A 21 -19.65 10.84 -0.52
CA ARG A 21 -20.47 12.06 -0.61
C ARG A 21 -20.87 12.55 0.79
N LEU A 22 -21.33 11.62 1.60
CA LEU A 22 -21.71 11.96 2.98
C LEU A 22 -20.51 12.51 3.72
N HIS A 23 -19.36 11.90 3.51
CA HIS A 23 -18.14 12.41 4.15
C HIS A 23 -17.80 13.81 3.67
N ASN A 24 -17.93 14.05 2.37
CA ASN A 24 -17.68 15.39 1.84
C ASN A 24 -18.68 16.44 2.34
N ASP A 25 -19.94 16.10 2.49
CA ASP A 25 -20.93 17.08 2.98
C ASP A 25 -20.74 17.48 4.43
N GLU A 26 -20.12 16.63 5.23
CA GLU A 26 -20.05 16.83 6.68
C GLU A 26 -18.67 17.27 7.22
N THR A 27 -17.62 17.20 6.41
CA THR A 27 -16.28 17.64 6.80
C THR A 27 -15.80 18.61 5.72
N ASN A 33 -9.84 16.59 4.72
CA ASN A 33 -9.55 15.39 5.53
C ASN A 33 -10.02 14.09 4.85
N PRO A 34 -9.15 13.46 4.09
CA PRO A 34 -9.57 12.24 3.42
C PRO A 34 -9.90 11.13 4.38
N LEU A 35 -10.66 10.18 3.86
CA LEU A 35 -11.11 9.04 4.66
C LEU A 35 -9.96 8.07 4.87
N GLY A 36 -8.94 8.13 4.02
CA GLY A 36 -7.83 7.23 4.19
C GLY A 36 -6.82 7.44 3.11
N PHE A 37 -6.10 6.37 2.75
CA PHE A 37 -5.09 6.40 1.69
C PHE A 37 -5.19 5.14 0.80
N LYS A 38 -4.59 5.22 -0.39
CA LYS A 38 -4.55 4.14 -1.36
C LYS A 38 -3.10 3.59 -1.50
N GLU A 39 -2.95 2.28 -1.55
CA GLU A 39 -1.60 1.68 -1.74
C GLU A 39 -1.67 0.49 -2.67
N SER A 40 -0.58 0.20 -3.35
CA SER A 40 -0.58 -0.97 -4.23
C SER A 40 0.77 -1.69 -4.36
N TRP A 41 0.74 -3.01 -4.62
CA TRP A 41 1.96 -3.73 -4.95
C TRP A 41 1.78 -4.42 -6.32
N GLY A 42 2.81 -4.24 -7.14
CA GLY A 42 2.80 -4.65 -8.55
C GLY A 42 3.99 -5.57 -8.69
N PHE A 43 3.70 -6.74 -9.23
CA PHE A 43 4.72 -7.71 -9.57
C PHE A 43 4.48 -8.13 -11.00
N GLY A 44 5.46 -7.88 -11.87
CA GLY A 44 5.33 -8.13 -13.31
C GLY A 44 4.13 -7.37 -13.81
N LYS A 45 3.09 -8.07 -14.27
CA LYS A 45 1.91 -7.34 -14.74
C LYS A 45 0.71 -7.37 -13.83
N VAL A 46 0.90 -7.88 -12.63
CA VAL A 46 -0.21 -8.05 -11.73
C VAL A 46 -0.05 -6.97 -10.64
N VAL A 47 -1.14 -6.26 -10.32
CA VAL A 47 -1.12 -5.19 -9.33
C VAL A 47 -2.21 -5.53 -8.33
N PHE A 48 -1.91 -5.48 -7.03
CA PHE A 48 -2.91 -5.67 -5.93
C PHE A 48 -3.05 -4.34 -5.24
N LYS A 49 -4.27 -3.97 -4.89
CA LYS A 49 -4.54 -2.59 -4.48
C LYS A 49 -5.30 -2.60 -3.17
N ARG A 50 -5.02 -1.61 -2.32
CA ARG A 50 -5.83 -1.31 -1.12
C ARG A 50 -6.17 0.14 -0.95
N TYR A 51 -7.43 0.40 -0.56
CA TYR A 51 -7.80 1.60 0.11
C TYR A 51 -7.99 1.27 1.59
N LEU A 52 -7.37 2.05 2.48
CA LEU A 52 -7.45 1.79 3.91
C LEU A 52 -7.86 3.04 4.63
N ARG A 53 -8.71 2.91 5.66
CA ARG A 53 -9.12 4.06 6.46
C ARG A 53 -7.97 4.44 7.34
N TYR A 54 -7.69 5.73 7.44
CA TYR A 54 -6.59 6.23 8.27
C TYR A 54 -7.05 7.57 8.81
N ASP A 55 -7.04 7.73 10.12
CA ASP A 55 -7.49 8.98 10.76
C ASP A 55 -6.36 9.78 11.45
N ARG A 56 -5.12 9.47 11.13
CA ARG A 56 -3.96 10.25 11.58
C ARG A 56 -3.69 10.15 13.07
N THR A 57 -4.27 9.17 13.74
CA THR A 57 -3.92 8.89 15.12
C THR A 57 -2.82 7.84 15.12
N GLU A 58 -2.22 7.62 16.27
CA GLU A 58 -1.18 6.59 16.42
C GLU A 58 -1.69 5.17 16.30
N ALA A 59 -2.85 4.92 16.86
CA ALA A 59 -3.43 3.59 16.83
C ALA A 59 -3.76 3.20 15.38
N SER A 60 -4.24 4.17 14.64
CA SER A 60 -4.64 3.94 13.26
C SER A 60 -3.40 3.74 12.38
N LEU A 61 -2.35 4.52 12.65
CA LEU A 61 -1.10 4.40 11.93
C LEU A 61 -0.54 3.00 12.16
N HIS A 62 -0.58 2.54 13.40
CA HIS A 62 -0.11 1.22 13.67
C HIS A 62 -0.92 0.14 12.96
N ARG A 63 -2.24 0.28 12.93
CA ARG A 63 -3.09 -0.68 12.22
C ARG A 63 -2.73 -0.76 10.75
N VAL A 64 -2.65 0.38 10.08
CA VAL A 64 -2.44 0.39 8.60
C VAL A 64 -1.02 -0.02 8.20
N LEU A 65 -0.09 0.16 9.13
CA LEU A 65 1.27 -0.29 8.97
C LEU A 65 1.40 -1.81 8.96
N GLY A 66 0.43 -2.49 9.56
CA GLY A 66 0.38 -3.97 9.48
C GLY A 66 -0.32 -4.54 8.24
N SER A 67 -0.62 -3.70 7.26
CA SER A 67 -1.40 -4.21 6.12
C SER A 67 -0.58 -5.08 5.16
N TRP A 68 0.74 -4.97 5.25
CA TRP A 68 1.67 -5.87 4.60
C TRP A 68 3.01 -5.87 5.31
N THR A 69 3.78 -6.94 5.06
CA THR A 69 5.08 -7.15 5.73
C THR A 69 6.07 -7.62 4.70
N GLY A 70 7.35 -7.66 5.05
CA GLY A 70 8.37 -8.25 4.16
C GLY A 70 7.92 -9.63 3.65
N ASP A 71 7.47 -10.42 4.60
CA ASP A 71 7.18 -11.79 4.36
C ASP A 71 5.97 -11.95 3.49
N SER A 72 4.92 -11.17 3.80
CA SER A 72 3.69 -11.22 2.99
C SER A 72 3.97 -10.73 1.56
N VAL A 73 4.77 -9.69 1.40
CA VAL A 73 5.11 -9.27 0.04
C VAL A 73 5.97 -10.30 -0.68
N ASN A 74 6.90 -10.90 0.01
CA ASN A 74 7.74 -11.90 -0.63
C ASN A 74 7.01 -13.18 -1.09
N TYR A 75 6.17 -13.72 -0.21
CA TYR A 75 5.35 -14.90 -0.56
C TYR A 75 4.40 -14.60 -1.76
N ALA A 76 3.82 -13.43 -1.76
CA ALA A 76 2.97 -13.06 -2.92
C ALA A 76 3.76 -12.86 -4.22
N ALA A 77 4.90 -12.20 -4.09
CA ALA A 77 5.73 -11.83 -5.22
C ALA A 77 6.40 -13.05 -5.82
N SER A 78 6.85 -13.97 -4.98
CA SER A 78 7.62 -15.09 -5.53
C SER A 78 6.71 -15.93 -6.48
N ARG A 79 5.40 -15.84 -6.31
CA ARG A 79 4.50 -16.55 -7.20
C ARG A 79 4.85 -16.23 -8.68
N PHE A 80 5.31 -14.99 -8.91
CA PHE A 80 5.55 -14.50 -10.24
C PHE A 80 6.99 -14.58 -10.75
N PHE A 81 7.92 -15.20 -10.01
CA PHE A 81 9.35 -15.18 -10.39
C PHE A 81 9.66 -16.16 -11.49
N GLY A 82 10.54 -15.73 -12.40
CA GLY A 82 11.07 -16.58 -13.48
C GLY A 82 12.58 -16.48 -13.69
N PHE A 83 13.02 -16.80 -14.90
CA PHE A 83 14.44 -16.75 -15.24
C PHE A 83 14.90 -15.30 -15.16
N ASP A 84 14.22 -14.46 -15.93
CA ASP A 84 14.52 -13.05 -15.99
C ASP A 84 13.89 -12.42 -14.76
N GLN A 85 14.68 -11.59 -14.08
CA GLN A 85 14.18 -10.68 -13.05
C GLN A 85 12.92 -9.95 -13.51
N ILE A 86 11.94 -9.79 -12.60
CA ILE A 86 10.72 -8.98 -12.91
C ILE A 86 10.75 -7.62 -12.18
N GLY A 87 10.02 -6.65 -12.71
CA GLY A 87 9.87 -5.35 -12.04
C GLY A 87 8.86 -5.44 -10.90
N CYS A 88 9.25 -4.92 -9.74
CA CYS A 88 8.35 -4.84 -8.57
C CYS A 88 8.15 -3.38 -8.14
N GLN A 89 6.95 -3.06 -7.65
CA GLN A 89 6.65 -1.67 -7.29
C GLN A 89 5.59 -1.52 -6.21
N TYR A 90 5.91 -0.69 -5.23
CA TYR A 90 4.97 -0.29 -4.20
C TYR A 90 4.60 1.15 -4.48
N SER A 91 3.31 1.47 -4.38
CA SER A 91 2.84 2.82 -4.62
C SER A 91 1.89 3.19 -3.51
N ILE A 92 1.98 4.45 -3.07
CA ILE A 92 1.08 4.91 -2.01
C ILE A 92 0.71 6.35 -2.31
N ARG A 93 -0.54 6.69 -2.08
CA ARG A 93 -0.99 8.07 -2.26
C ARG A 93 -1.81 8.56 -1.07
N PHE A 94 -1.42 9.69 -0.51
CA PHE A 94 -2.10 10.28 0.62
C PHE A 94 -2.02 11.76 0.38
N ARG A 95 -3.16 12.42 0.50
CA ARG A 95 -3.25 13.89 0.35
C ARG A 95 -2.58 14.47 -0.93
N GLY A 96 -2.76 13.84 -2.07
CA GLY A 96 -2.23 14.37 -3.35
C GLY A 96 -0.74 14.19 -3.56
N VAL A 97 -0.11 13.42 -2.68
CA VAL A 97 1.30 13.11 -2.78
C VAL A 97 1.42 11.59 -2.95
N SER A 98 2.13 11.19 -4.01
CA SER A 98 2.35 9.78 -4.28
C SER A 98 3.81 9.49 -4.12
N ILE A 99 4.12 8.45 -3.33
CA ILE A 99 5.44 7.83 -3.33
C ILE A 99 5.40 6.46 -4.10
N THR A 100 6.36 6.21 -4.98
CA THR A 100 6.58 4.86 -5.55
C THR A 100 7.99 4.31 -5.22
N VAL A 101 8.09 3.02 -4.90
CA VAL A 101 9.39 2.39 -4.72
C VAL A 101 9.44 1.20 -5.64
N SER A 102 10.37 1.21 -6.58
CA SER A 102 10.45 0.12 -7.58
C SER A 102 11.87 -0.38 -7.86
N GLY A 103 11.96 -1.56 -8.48
CA GLY A 103 13.21 -2.17 -8.86
C GLY A 103 12.96 -3.60 -9.33
N GLY A 104 14.04 -4.33 -9.59
CA GLY A 104 13.87 -5.70 -9.96
C GLY A 104 13.66 -6.58 -8.76
N SER A 105 13.11 -7.78 -9.00
CA SER A 105 12.77 -8.75 -7.95
C SER A 105 13.95 -9.19 -7.10
N ARG A 106 15.16 -9.14 -7.65
CA ARG A 106 16.35 -9.34 -6.82
C ARG A 106 16.54 -8.30 -5.70
N THR A 107 15.93 -7.11 -5.81
CA THR A 107 16.08 -6.06 -4.78
C THR A 107 14.93 -6.02 -3.80
N LEU A 108 14.00 -6.95 -3.91
CA LEU A 108 12.70 -6.82 -3.22
C LEU A 108 12.77 -6.56 -1.71
N GLN A 109 13.73 -7.18 -1.04
CA GLN A 109 13.91 -6.92 0.40
C GLN A 109 14.16 -5.42 0.63
N HIS A 110 15.06 -4.86 -0.18
CA HIS A 110 15.38 -3.45 -0.11
C HIS A 110 14.20 -2.57 -0.50
N LEU A 111 13.44 -2.99 -1.51
CA LEU A 111 12.24 -2.24 -1.84
C LEU A 111 11.26 -2.20 -0.65
N CYS A 112 11.10 -3.33 -0.01
CA CYS A 112 10.24 -3.43 1.18
C CYS A 112 10.64 -2.52 2.28
N GLU A 113 11.94 -2.52 2.56
CA GLU A 113 12.57 -1.66 3.54
C GLU A 113 12.28 -0.20 3.29
N MET A 114 12.40 0.24 2.03
CA MET A 114 12.14 1.63 1.67
C MET A 114 10.65 1.92 1.58
N ALA A 115 9.87 0.95 1.13
CA ALA A 115 8.44 1.14 1.11
C ALA A 115 7.83 1.38 2.48
N ILE A 116 8.18 0.56 3.44
CA ILE A 116 7.65 0.70 4.82
C ILE A 116 8.03 2.07 5.44
N ARG A 117 9.27 2.53 5.28
CA ARG A 117 9.68 3.89 5.74
C ARG A 117 8.90 4.99 5.05
N SER A 118 8.73 4.81 3.74
CA SER A 118 8.03 5.78 2.95
C SER A 118 6.56 5.89 3.39
N LYS A 119 5.91 4.76 3.55
CA LYS A 119 4.53 4.72 3.96
C LYS A 119 4.41 5.49 5.26
N GLN A 120 5.29 5.19 6.21
CA GLN A 120 5.34 5.87 7.49
C GLN A 120 5.65 7.37 7.43
N GLU A 121 6.69 7.75 6.70
CA GLU A 121 6.99 9.18 6.51
C GLU A 121 5.74 9.87 5.90
N LEU A 122 5.15 9.30 4.87
CA LEU A 122 4.05 9.99 4.23
C LEU A 122 2.82 10.15 5.12
N LEU A 123 2.44 9.07 5.79
CA LEU A 123 1.26 9.08 6.68
C LEU A 123 1.46 9.91 7.96
N GLN A 124 2.70 10.18 8.36
CA GLN A 124 3.01 11.03 9.53
C GLN A 124 3.24 12.47 9.10
N LEU A 125 3.29 12.72 7.79
CA LEU A 125 3.51 14.08 7.29
C LEU A 125 2.36 14.99 7.72
N ALA A 126 2.70 16.19 8.20
CA ALA A 126 1.68 17.19 8.64
C ALA A 126 1.10 17.94 7.42
N PRO A 127 -0.19 18.29 7.47
CA PRO A 127 -0.78 19.05 6.37
C PRO A 127 -0.28 20.50 6.35
#